data_2ARD
#
_entry.id   2ARD
#
_cell.length_a   68.300
_cell.length_b   68.300
_cell.length_c   274.900
_cell.angle_alpha   90.00
_cell.angle_beta   90.00
_cell.angle_gamma   90.00
#
_symmetry.space_group_name_H-M   'P 43 21 2'
#
loop_
_entity.id
_entity.type
_entity.pdbx_description
1 polymer 'tryptophan halogenase PrnA'
2 non-polymer 'DIHYDROFLAVINE-ADENINE DINUCLEOTIDE'
3 water water
#
_entity_poly.entity_id   1
_entity_poly.type   'polypeptide(L)'
_entity_poly.pdbx_seq_one_letter_code
;MNKPIKNIVIVGGGTAGWMAASYLVRALQQQANITLIESAAIPRIGVGEATIPSLQKVFFDFLGIPEREWMPQVNGAFKA
AIKFVNWRKSPDPSRDDHFYHLFGNVPNCDGVPLTHYWLRKREQGFQQPMEYACYPQPGALDGKLAPCLSDGTRQMSHAW
HFDAHLVADFLKRWAVERGVNRVVDEVVDVRLNNRGYISNLLTKEGRTLEADLFIDCSGMRGLLINQALKEPFIDMSDYL
LCDSAVASAVPNDDARDGVEPYTSSIAMNSGWTWKIPMLGRFGSGYVFSSHFTSRDQATADFLKLWGLSDNQPLNQIKFR
VGRNKRAWVNNCVSIGLSSCFLEPLESTGIYFIYAALYQLVKHFPDTSFDPRLSDAFNAEIVHMFDDCRDFVQAHYFTTS
RDDTPFWLANRHDLRLSDAIKEKVQRYKAGLPLTTTSFDDSTYYETFDYEFKNFWLNGNYYCIFAGLGMLPDRSLPLLQH
RPESIEKAEAMFASIRREAERLRTSLPTNYDYLRSLRDGDAGLSRGQRGPKLAAQESL
;
_entity_poly.pdbx_strand_id   A
#
loop_
_chem_comp.id
_chem_comp.type
_chem_comp.name
_chem_comp.formula
FDA non-polymer 'DIHYDROFLAVINE-ADENINE DINUCLEOTIDE' 'C27 H35 N9 O15 P2'
#
# COMPACT_ATOMS: atom_id res chain seq x y z
N ASN A 2 27.78 -16.69 21.96
CA ASN A 2 26.31 -16.48 22.15
C ASN A 2 25.43 -17.45 21.33
N LYS A 3 24.64 -18.28 22.02
CA LYS A 3 23.71 -19.18 21.33
C LYS A 3 22.94 -18.40 20.24
N PRO A 4 22.76 -18.99 19.05
CA PRO A 4 21.84 -18.43 18.06
C PRO A 4 20.35 -18.46 18.53
N ILE A 5 19.50 -17.70 17.85
CA ILE A 5 18.05 -17.80 18.07
C ILE A 5 17.60 -19.15 17.44
N LYS A 6 16.92 -20.03 18.20
CA LYS A 6 16.57 -21.38 17.70
C LYS A 6 15.05 -21.58 17.59
N ASN A 7 14.32 -21.23 18.65
CA ASN A 7 12.85 -21.31 18.69
C ASN A 7 12.20 -19.94 18.57
N ILE A 8 11.29 -19.84 17.60
CA ILE A 8 10.62 -18.60 17.29
C ILE A 8 9.13 -18.86 17.40
N VAL A 9 8.43 -17.95 18.09
CA VAL A 9 6.98 -17.98 18.05
C VAL A 9 6.42 -16.71 17.41
N ILE A 10 5.52 -16.94 16.46
CA ILE A 10 4.70 -15.90 15.87
C ILE A 10 3.31 -16.04 16.46
N VAL A 11 2.76 -14.91 16.92
CA VAL A 11 1.38 -14.87 17.40
C VAL A 11 0.48 -14.23 16.33
N GLY A 12 -0.41 -15.04 15.75
CA GLY A 12 -1.34 -14.54 14.77
C GLY A 12 -1.13 -15.08 13.38
N GLY A 13 -2.23 -15.36 12.67
CA GLY A 13 -2.19 -16.04 11.39
C GLY A 13 -3.00 -15.30 10.37
N GLY A 14 -2.94 -13.97 10.46
CA GLY A 14 -3.40 -13.11 9.38
C GLY A 14 -2.36 -13.00 8.25
N THR A 15 -2.50 -11.97 7.43
CA THR A 15 -1.52 -11.80 6.39
C THR A 15 -0.16 -11.56 7.07
N ALA A 16 -0.05 -10.58 7.95
CA ALA A 16 1.21 -10.39 8.64
C ALA A 16 1.78 -11.70 9.24
N GLY A 17 0.91 -12.52 9.82
CA GLY A 17 1.37 -13.77 10.44
C GLY A 17 1.98 -14.76 9.47
N TRP A 18 1.36 -15.02 8.34
CA TRP A 18 1.88 -16.05 7.46
C TRP A 18 3.03 -15.57 6.58
N MET A 19 3.05 -14.28 6.26
CA MET A 19 4.19 -13.71 5.56
C MET A 19 5.47 -13.86 6.37
N ALA A 20 5.33 -13.74 7.70
CA ALA A 20 6.45 -13.85 8.62
C ALA A 20 6.90 -15.30 8.69
N ALA A 21 5.95 -16.24 8.67
CA ALA A 21 6.29 -17.63 8.83
C ALA A 21 7.03 -18.11 7.61
N SER A 22 6.60 -17.65 6.45
CA SER A 22 7.17 -18.15 5.20
C SER A 22 8.48 -17.49 4.93
N TYR A 23 8.55 -16.19 5.23
CA TYR A 23 9.78 -15.40 5.07
C TYR A 23 10.84 -15.91 6.04
N LEU A 24 10.46 -16.08 7.29
CA LEU A 24 11.42 -16.54 8.25
C LEU A 24 11.78 -17.96 7.95
N VAL A 25 10.85 -18.79 7.43
CA VAL A 25 11.23 -20.20 7.17
C VAL A 25 12.14 -20.26 5.98
N ARG A 26 12.08 -19.23 5.15
CA ARG A 26 12.94 -19.19 4.02
C ARG A 26 14.30 -18.62 4.39
N ALA A 27 14.32 -17.57 5.21
CA ALA A 27 15.62 -16.94 5.45
C ALA A 27 16.47 -17.81 6.34
N LEU A 28 15.82 -18.39 7.34
CA LEU A 28 16.52 -19.20 8.31
C LEU A 28 16.70 -20.66 7.89
N GLN A 29 17.47 -20.87 6.82
CA GLN A 29 17.77 -22.21 6.26
C GLN A 29 18.16 -23.33 7.26
N GLN A 30 18.84 -23.00 8.35
CA GLN A 30 19.12 -23.99 9.41
C GLN A 30 18.90 -23.41 10.82
N GLN A 31 19.04 -24.27 11.81
CA GLN A 31 18.78 -23.99 13.24
C GLN A 31 17.60 -23.04 13.49
N ALA A 32 16.45 -23.38 12.95
CA ALA A 32 15.27 -22.54 13.13
C ALA A 32 13.99 -23.33 13.39
N ASN A 33 13.31 -22.97 14.46
CA ASN A 33 12.08 -23.63 14.84
C ASN A 33 10.89 -22.72 15.10
N ILE A 34 9.93 -22.78 14.20
CA ILE A 34 8.95 -21.73 14.10
C ILE A 34 7.55 -22.23 14.40
N THR A 35 6.90 -21.60 15.37
CA THR A 35 5.55 -21.98 15.70
C THR A 35 4.65 -20.73 15.57
N LEU A 36 3.53 -20.89 14.89
CA LEU A 36 2.58 -19.79 14.73
C LEU A 36 1.29 -20.18 15.43
N ILE A 37 0.86 -19.36 16.39
CA ILE A 37 -0.38 -19.61 17.10
C ILE A 37 -1.51 -18.67 16.65
N GLU A 38 -2.67 -19.20 16.29
CA GLU A 38 -3.76 -18.34 15.82
C GLU A 38 -5.16 -18.67 16.34
N SER A 39 -5.74 -17.74 17.10
CA SER A 39 -7.07 -17.98 17.68
C SER A 39 -8.13 -18.05 16.61
N ALA A 40 -8.82 -19.18 16.50
CA ALA A 40 -9.97 -19.23 15.57
C ALA A 40 -11.20 -18.42 16.05
N ALA A 41 -11.20 -17.96 17.33
CA ALA A 41 -12.18 -16.96 17.88
C ALA A 41 -11.94 -15.51 17.39
N ILE A 42 -10.69 -15.16 17.10
CA ILE A 42 -10.33 -13.83 16.59
C ILE A 42 -10.02 -13.89 15.08
N PRO A 43 -10.97 -13.44 14.23
CA PRO A 43 -10.80 -13.55 12.79
C PRO A 43 -9.73 -12.60 12.22
N ARG A 44 -9.30 -12.89 10.99
CA ARG A 44 -8.43 -11.98 10.26
C ARG A 44 -9.22 -10.73 9.96
N ILE A 45 -8.52 -9.60 9.82
CA ILE A 45 -9.15 -8.45 9.22
C ILE A 45 -9.30 -8.83 7.74
N GLY A 46 -10.57 -8.92 7.34
CA GLY A 46 -10.86 -9.56 6.08
C GLY A 46 -10.61 -8.63 4.91
N VAL A 47 -9.63 -7.75 5.05
CA VAL A 47 -9.22 -6.86 3.95
C VAL A 47 -7.68 -6.82 3.80
N GLY A 48 -7.24 -6.00 2.83
CA GLY A 48 -5.83 -5.79 2.52
C GLY A 48 -5.53 -6.44 1.20
N GLU A 49 -5.90 -5.79 0.11
CA GLU A 49 -6.06 -6.48 -1.16
C GLU A 49 -5.33 -5.87 -2.35
N ALA A 50 -4.86 -4.62 -2.24
CA ALA A 50 -4.07 -4.05 -3.32
C ALA A 50 -2.61 -3.76 -2.91
N THR A 51 -1.68 -3.81 -3.87
CA THR A 51 -0.25 -3.90 -3.54
C THR A 51 0.63 -2.96 -4.36
N ILE A 52 1.89 -2.83 -3.99
CA ILE A 52 2.79 -2.03 -4.81
C ILE A 52 3.84 -2.97 -5.40
N PRO A 53 4.48 -2.56 -6.50
CA PRO A 53 5.37 -3.47 -7.25
C PRO A 53 6.44 -4.25 -6.44
N SER A 54 6.99 -3.63 -5.39
CA SER A 54 8.03 -4.29 -4.57
C SER A 54 7.64 -5.67 -4.01
N LEU A 55 6.34 -5.99 -3.97
CA LEU A 55 5.88 -7.29 -3.43
C LEU A 55 6.57 -8.52 -4.05
N GLN A 56 6.74 -8.53 -5.37
CA GLN A 56 7.37 -9.67 -6.02
C GLN A 56 8.86 -9.69 -5.73
N LYS A 57 9.50 -8.55 -5.97
CA LYS A 57 10.96 -8.41 -5.85
C LYS A 57 11.38 -8.77 -4.45
N VAL A 58 10.63 -8.33 -3.45
CA VAL A 58 11.08 -8.49 -2.09
C VAL A 58 10.46 -9.68 -1.44
N PHE A 59 9.19 -9.92 -1.70
CA PHE A 59 8.58 -10.98 -0.95
C PHE A 59 8.58 -12.29 -1.73
N PHE A 60 7.86 -12.35 -2.83
CA PHE A 60 7.76 -13.60 -3.56
C PHE A 60 9.05 -14.13 -4.19
N ASP A 61 9.83 -13.27 -4.84
CA ASP A 61 11.15 -13.65 -5.33
C ASP A 61 12.01 -14.21 -4.23
N PHE A 62 11.89 -13.65 -3.02
CA PHE A 62 12.69 -14.12 -1.92
C PHE A 62 12.30 -15.57 -1.60
N LEU A 63 11.03 -15.90 -1.82
CA LEU A 63 10.55 -17.24 -1.51
C LEU A 63 10.84 -18.23 -2.62
N GLY A 64 11.02 -17.70 -3.83
CA GLY A 64 11.25 -18.52 -5.01
C GLY A 64 9.94 -18.88 -5.66
N ILE A 65 8.92 -18.04 -5.43
CA ILE A 65 7.64 -18.21 -6.12
C ILE A 65 7.41 -17.11 -7.18
N PRO A 66 7.44 -17.48 -8.46
CA PRO A 66 7.12 -16.54 -9.55
C PRO A 66 5.62 -16.13 -9.65
N GLU A 67 5.38 -15.00 -10.31
CA GLU A 67 4.06 -14.45 -10.48
C GLU A 67 3.02 -15.46 -11.02
N ARG A 68 3.37 -16.23 -12.06
CA ARG A 68 2.43 -17.18 -12.68
C ARG A 68 2.02 -18.35 -11.74
N GLU A 69 2.67 -18.47 -10.57
CA GLU A 69 2.40 -19.60 -9.69
C GLU A 69 1.47 -19.18 -8.55
N TRP A 70 1.65 -17.98 -8.03
CA TRP A 70 0.79 -17.52 -6.94
C TRP A 70 -0.44 -16.73 -7.43
N MET A 71 -0.39 -16.11 -8.59
CA MET A 71 -1.55 -15.36 -9.01
C MET A 71 -2.78 -16.25 -9.15
N PRO A 72 -2.72 -17.29 -10.00
CA PRO A 72 -3.94 -18.07 -10.21
C PRO A 72 -4.56 -18.54 -8.91
N GLN A 73 -3.73 -18.76 -7.89
CA GLN A 73 -4.16 -19.44 -6.69
C GLN A 73 -4.68 -18.48 -5.67
N VAL A 74 -4.59 -17.20 -5.96
CA VAL A 74 -5.16 -16.23 -5.05
C VAL A 74 -6.13 -15.25 -5.73
N ASN A 75 -6.75 -15.68 -6.85
CA ASN A 75 -7.64 -14.81 -7.66
C ASN A 75 -6.93 -13.51 -8.02
N GLY A 76 -5.63 -13.61 -8.24
CA GLY A 76 -4.77 -12.47 -8.50
C GLY A 76 -5.18 -11.77 -9.76
N ALA A 77 -5.11 -10.44 -9.69
CA ALA A 77 -5.31 -9.51 -10.82
C ALA A 77 -4.21 -8.40 -10.89
N PHE A 78 -4.22 -7.59 -11.94
CA PHE A 78 -3.18 -6.60 -12.14
C PHE A 78 -3.64 -5.20 -11.73
N LYS A 79 -2.73 -4.46 -11.10
CA LYS A 79 -2.94 -3.08 -10.70
C LYS A 79 -1.84 -2.31 -11.43
N ALA A 80 -2.25 -1.46 -12.35
CA ALA A 80 -1.30 -0.69 -13.10
C ALA A 80 -1.14 0.67 -12.50
N ALA A 81 -2.08 1.11 -11.65
CA ALA A 81 -2.09 2.47 -11.08
C ALA A 81 -3.20 2.59 -10.10
N ILE A 82 -3.27 3.74 -9.47
CA ILE A 82 -4.45 4.15 -8.77
C ILE A 82 -5.10 5.25 -9.58
N LYS A 83 -6.40 5.11 -9.83
CA LYS A 83 -7.14 6.17 -10.50
C LYS A 83 -7.92 6.95 -9.47
N PHE A 84 -7.62 8.23 -9.38
CA PHE A 84 -8.25 9.12 -8.37
C PHE A 84 -9.46 9.83 -8.95
N VAL A 85 -10.60 9.66 -8.29
CA VAL A 85 -11.87 10.13 -8.83
C VAL A 85 -12.48 11.16 -7.89
N ASN A 86 -12.91 12.27 -8.48
CA ASN A 86 -13.39 13.43 -7.71
C ASN A 86 -12.55 13.98 -6.54
N TRP A 87 -11.22 13.94 -6.61
CA TRP A 87 -10.45 14.55 -5.54
C TRP A 87 -10.14 16.01 -5.81
N ARG A 88 -10.32 16.43 -7.05
CA ARG A 88 -9.80 17.72 -7.44
C ARG A 88 -10.67 18.91 -7.01
N LYS A 89 -11.87 18.99 -7.56
CA LYS A 89 -12.76 20.11 -7.35
C LYS A 89 -13.85 19.49 -6.53
N SER A 90 -14.72 20.34 -5.96
CA SER A 90 -16.11 19.96 -5.66
C SER A 90 -16.70 19.16 -6.84
N PRO A 91 -17.03 17.87 -6.62
CA PRO A 91 -17.66 16.93 -7.53
C PRO A 91 -18.72 17.55 -8.46
N ASP A 92 -18.97 16.87 -9.59
CA ASP A 92 -19.94 17.31 -10.58
C ASP A 92 -20.18 16.12 -11.50
N PRO A 93 -21.44 15.68 -11.58
CA PRO A 93 -21.72 14.53 -12.44
C PRO A 93 -21.42 14.84 -13.91
N SER A 94 -21.44 16.11 -14.26
CA SER A 94 -21.30 16.49 -15.65
C SER A 94 -19.84 16.76 -15.98
N ARG A 95 -18.97 16.61 -15.00
CA ARG A 95 -17.52 16.79 -15.18
C ARG A 95 -16.72 15.50 -14.89
N ASP A 96 -15.64 15.32 -15.66
CA ASP A 96 -14.72 14.20 -15.58
C ASP A 96 -13.46 14.62 -14.81
N ASP A 97 -13.49 14.31 -13.52
CA ASP A 97 -12.45 14.63 -12.55
C ASP A 97 -11.78 13.29 -12.19
N HIS A 98 -10.78 12.90 -12.99
CA HIS A 98 -10.02 11.69 -12.75
C HIS A 98 -8.57 11.91 -13.16
N PHE A 99 -7.65 11.41 -12.33
CA PHE A 99 -6.27 11.32 -12.71
C PHE A 99 -5.71 9.98 -12.26
N TYR A 100 -4.70 9.48 -12.93
CA TYR A 100 -4.05 8.30 -12.45
C TYR A 100 -2.80 8.66 -11.67
N HIS A 101 -2.45 7.77 -10.76
CA HIS A 101 -1.14 7.71 -10.22
C HIS A 101 -0.60 6.37 -10.73
N LEU A 102 0.41 6.44 -11.60
CA LEU A 102 0.93 5.31 -12.35
C LEU A 102 2.18 4.81 -11.70
N PHE A 103 2.53 3.56 -11.98
CA PHE A 103 3.74 2.97 -11.48
C PHE A 103 4.80 3.22 -12.55
N GLY A 104 6.07 3.02 -12.22
CA GLY A 104 7.11 3.16 -13.24
C GLY A 104 7.64 4.57 -13.26
N ASN A 105 8.83 4.73 -13.82
CA ASN A 105 9.48 6.02 -13.77
C ASN A 105 9.19 6.82 -15.06
N VAL A 106 9.50 8.10 -15.02
CA VAL A 106 9.26 9.01 -16.10
C VAL A 106 10.62 9.22 -16.71
N PRO A 107 10.72 9.26 -18.04
CA PRO A 107 12.09 9.46 -18.52
C PRO A 107 12.60 10.86 -18.26
N ASN A 108 13.91 10.99 -18.41
CA ASN A 108 14.56 12.28 -18.26
C ASN A 108 15.03 12.66 -19.65
N CYS A 109 14.97 13.95 -19.95
CA CYS A 109 15.62 14.47 -21.14
C CYS A 109 16.72 15.43 -20.66
N ASP A 110 17.95 15.12 -21.04
CA ASP A 110 19.10 15.94 -20.72
C ASP A 110 19.05 16.33 -19.26
N GLY A 111 18.85 15.32 -18.41
CA GLY A 111 19.00 15.47 -16.96
C GLY A 111 17.86 16.16 -16.24
N VAL A 112 16.72 16.33 -16.91
CA VAL A 112 15.56 17.02 -16.35
C VAL A 112 14.32 16.15 -16.64
N PRO A 113 13.51 15.85 -15.61
CA PRO A 113 12.40 14.94 -15.92
C PRO A 113 11.32 15.50 -16.85
N LEU A 114 10.79 14.63 -17.68
CA LEU A 114 9.68 14.93 -18.57
C LEU A 114 8.51 15.74 -17.98
N THR A 115 8.13 15.50 -16.72
CA THR A 115 7.11 16.33 -16.04
C THR A 115 7.33 17.84 -16.21
N HIS A 116 8.61 18.24 -16.25
CA HIS A 116 9.06 19.64 -16.20
C HIS A 116 9.11 20.31 -17.57
N TYR A 117 9.38 19.52 -18.60
CA TYR A 117 9.17 19.99 -19.97
C TYR A 117 7.65 20.15 -20.19
N TRP A 118 6.85 19.20 -19.68
CA TRP A 118 5.43 19.34 -19.80
C TRP A 118 4.96 20.65 -19.17
N LEU A 119 5.37 20.94 -17.95
CA LEU A 119 4.84 22.13 -17.32
C LEU A 119 5.20 23.39 -18.12
N ARG A 120 6.39 23.42 -18.72
CA ARG A 120 6.74 24.61 -19.47
C ARG A 120 5.73 24.76 -20.61
N LYS A 121 5.33 23.62 -21.19
CA LYS A 121 4.31 23.63 -22.19
C LYS A 121 2.94 24.08 -21.63
N ARG A 122 2.49 23.53 -20.50
CA ARG A 122 1.23 24.02 -19.95
C ARG A 122 1.25 25.54 -19.81
N GLU A 123 2.41 26.10 -19.50
CA GLU A 123 2.57 27.54 -19.44
C GLU A 123 2.29 28.30 -20.73
N GLN A 124 2.42 27.63 -21.88
CA GLN A 124 2.13 28.23 -23.21
C GLN A 124 0.72 27.87 -23.63
N GLY A 125 -0.02 27.24 -22.73
CA GLY A 125 -1.40 26.85 -22.98
C GLY A 125 -1.66 25.45 -23.54
N PHE A 126 -0.67 24.56 -23.46
CA PHE A 126 -0.90 23.12 -23.68
C PHE A 126 -2.03 22.67 -22.74
N GLN A 127 -2.86 21.72 -23.14
CA GLN A 127 -4.03 21.43 -22.34
C GLN A 127 -3.97 20.02 -21.82
N GLN A 128 -3.32 19.15 -22.58
CA GLN A 128 -3.28 17.77 -22.21
C GLN A 128 -2.74 17.56 -20.77
N PRO A 129 -3.49 16.87 -19.92
CA PRO A 129 -2.99 16.71 -18.54
C PRO A 129 -1.63 16.00 -18.43
N MET A 130 -0.97 16.18 -17.30
CA MET A 130 0.39 15.71 -17.14
C MET A 130 0.58 14.22 -17.44
N GLU A 131 -0.22 13.37 -16.83
CA GLU A 131 0.02 11.95 -17.03
C GLU A 131 -0.25 11.45 -18.48
N TYR A 132 -1.17 12.08 -19.19
CA TYR A 132 -1.48 11.59 -20.55
C TYR A 132 -0.35 11.89 -21.54
N ALA A 133 0.45 12.89 -21.17
CA ALA A 133 1.54 13.40 -21.95
C ALA A 133 2.85 12.69 -21.62
N CYS A 134 3.02 12.26 -20.38
CA CYS A 134 4.33 11.75 -19.84
C CYS A 134 4.47 10.24 -19.70
N TYR A 135 3.37 9.53 -19.81
CA TYR A 135 3.40 8.13 -19.62
C TYR A 135 2.62 7.61 -20.76
N PRO A 136 3.10 6.52 -21.33
CA PRO A 136 2.44 5.81 -22.43
C PRO A 136 1.09 5.08 -22.08
N GLN A 137 0.85 4.75 -20.80
CA GLN A 137 -0.29 3.86 -20.55
C GLN A 137 -1.68 4.39 -20.02
N PRO A 138 -1.81 5.68 -19.66
CA PRO A 138 -3.10 6.02 -19.03
C PRO A 138 -4.33 5.74 -19.89
N GLY A 139 -4.22 5.99 -21.19
CA GLY A 139 -5.29 5.68 -22.14
C GLY A 139 -5.67 4.20 -22.25
N ALA A 140 -4.67 3.32 -22.30
CA ALA A 140 -4.91 1.86 -22.17
C ALA A 140 -5.80 1.46 -20.96
N LEU A 141 -5.48 2.01 -19.80
CA LEU A 141 -6.19 1.73 -18.56
C LEU A 141 -7.60 2.21 -18.66
N ASP A 142 -7.80 3.35 -19.31
CA ASP A 142 -9.10 3.92 -19.55
C ASP A 142 -9.94 2.89 -20.29
N GLY A 143 -9.30 2.22 -21.27
CA GLY A 143 -9.95 1.17 -22.08
C GLY A 143 -9.84 -0.20 -21.48
N LYS A 144 -9.46 -0.26 -20.20
CA LYS A 144 -9.50 -1.51 -19.40
C LYS A 144 -8.62 -2.63 -19.97
N LEU A 145 -7.53 -2.22 -20.63
CA LEU A 145 -6.62 -3.14 -21.34
C LEU A 145 -5.70 -3.85 -20.34
N ALA A 146 -5.21 -5.03 -20.68
CA ALA A 146 -4.29 -5.76 -19.80
C ALA A 146 -2.92 -5.06 -19.82
N PRO A 147 -2.00 -5.37 -18.88
CA PRO A 147 -0.64 -4.85 -18.92
C PRO A 147 0.36 -5.74 -19.65
N CYS A 148 -0.14 -6.70 -20.44
CA CYS A 148 0.68 -7.63 -21.22
C CYS A 148 0.01 -7.93 -22.53
N LEU A 149 0.76 -8.40 -23.50
CA LEU A 149 0.17 -8.92 -24.72
C LEU A 149 -0.33 -10.29 -24.36
N SER A 150 -1.13 -10.92 -25.23
CA SER A 150 -1.79 -12.18 -24.87
C SER A 150 -0.75 -13.24 -24.51
N ASP A 151 0.31 -13.29 -25.33
CA ASP A 151 1.39 -14.26 -25.19
C ASP A 151 2.22 -14.06 -23.90
N GLY A 152 1.86 -13.02 -23.13
CA GLY A 152 2.44 -12.78 -21.82
C GLY A 152 3.59 -11.78 -21.69
N THR A 153 3.96 -11.06 -22.74
CA THR A 153 5.10 -10.12 -22.56
C THR A 153 4.69 -8.85 -21.79
N ARG A 154 5.60 -8.36 -20.94
CA ARG A 154 5.25 -7.30 -19.98
C ARG A 154 5.26 -5.96 -20.70
N GLN A 155 4.21 -5.13 -20.53
CA GLN A 155 4.11 -3.86 -21.29
C GLN A 155 4.02 -2.59 -20.40
N MET A 156 3.94 -2.75 -19.09
CA MET A 156 3.99 -1.61 -18.18
C MET A 156 4.44 -2.07 -16.81
N SER A 157 4.66 -1.15 -15.90
CA SER A 157 4.84 -1.58 -14.52
C SER A 157 3.46 -1.80 -13.91
N HIS A 158 3.38 -2.83 -13.07
CA HIS A 158 2.13 -3.24 -12.45
C HIS A 158 2.38 -3.79 -11.09
N ALA A 159 1.35 -3.72 -10.26
CA ALA A 159 1.38 -4.37 -8.97
C ALA A 159 0.18 -5.32 -9.07
N TRP A 160 -0.41 -5.71 -7.93
CA TRP A 160 -1.47 -6.74 -7.94
C TRP A 160 -2.62 -6.46 -6.99
N HIS A 161 -3.80 -6.99 -7.35
CA HIS A 161 -4.93 -7.09 -6.44
C HIS A 161 -5.08 -8.55 -6.16
N PHE A 162 -5.29 -8.95 -4.91
CA PHE A 162 -5.54 -10.36 -4.63
C PHE A 162 -6.57 -10.55 -3.54
N ASP A 163 -7.17 -11.74 -3.47
CA ASP A 163 -8.10 -12.04 -2.37
C ASP A 163 -7.28 -12.27 -1.06
N ALA A 164 -7.46 -11.38 -0.07
CA ALA A 164 -6.75 -11.45 1.25
C ALA A 164 -6.78 -12.81 1.98
N HIS A 165 -7.95 -13.41 2.03
CA HIS A 165 -8.16 -14.69 2.67
C HIS A 165 -7.26 -15.79 2.04
N LEU A 166 -7.36 -15.93 0.73
CA LEU A 166 -6.58 -16.89 -0.04
C LEU A 166 -5.10 -16.66 0.06
N VAL A 167 -4.67 -15.40 -0.01
CA VAL A 167 -3.25 -15.10 0.14
C VAL A 167 -2.76 -15.70 1.42
N ALA A 168 -3.52 -15.53 2.49
CA ALA A 168 -3.18 -16.09 3.80
C ALA A 168 -3.14 -17.63 3.81
N ASP A 169 -4.16 -18.26 3.24
CA ASP A 169 -4.19 -19.70 3.01
C ASP A 169 -3.08 -20.26 2.10
N PHE A 170 -2.69 -19.51 1.07
CA PHE A 170 -1.64 -19.96 0.16
C PHE A 170 -0.27 -20.09 0.86
N LEU A 171 0.10 -19.04 1.58
CA LEU A 171 1.28 -19.00 2.44
C LEU A 171 1.17 -19.89 3.68
N LYS A 172 -0.04 -20.08 4.23
CA LYS A 172 -0.19 -21.06 5.28
C LYS A 172 0.18 -22.44 4.80
N ARG A 173 -0.32 -22.83 3.62
CA ARG A 173 0.02 -24.13 3.07
C ARG A 173 1.50 -24.23 2.80
N TRP A 174 2.03 -23.18 2.18
CA TRP A 174 3.42 -23.11 1.82
C TRP A 174 4.34 -23.25 3.00
N ALA A 175 3.98 -22.60 4.10
CA ALA A 175 4.88 -22.52 5.24
C ALA A 175 4.88 -23.81 6.03
N VAL A 176 3.68 -24.26 6.42
CA VAL A 176 3.50 -25.47 7.22
C VAL A 176 4.30 -26.61 6.61
N GLU A 177 4.14 -26.72 5.30
CA GLU A 177 4.79 -27.68 4.44
C GLU A 177 6.31 -27.72 4.57
N ARG A 178 6.93 -26.56 4.72
CA ARG A 178 8.37 -26.52 4.91
C ARG A 178 8.76 -26.56 6.37
N GLY A 179 7.84 -27.05 7.22
CA GLY A 179 8.14 -27.36 8.61
C GLY A 179 7.68 -26.36 9.66
N VAL A 180 6.92 -25.36 9.24
CA VAL A 180 6.34 -24.42 10.16
C VAL A 180 5.22 -25.14 10.93
N ASN A 181 5.20 -24.89 12.24
CA ASN A 181 4.27 -25.56 13.14
C ASN A 181 3.12 -24.68 13.57
N ARG A 182 1.95 -25.08 13.08
CA ARG A 182 0.71 -24.36 13.21
C ARG A 182 -0.03 -24.80 14.48
N VAL A 183 -0.35 -23.85 15.35
CA VAL A 183 -1.12 -24.12 16.56
C VAL A 183 -2.37 -23.24 16.53
N VAL A 184 -3.56 -23.86 16.64
CA VAL A 184 -4.86 -23.18 16.71
C VAL A 184 -5.32 -23.07 18.18
N ASP A 185 -4.98 -21.94 18.81
CA ASP A 185 -5.22 -21.75 20.24
C ASP A 185 -5.30 -20.24 20.42
N GLU A 186 -5.50 -19.76 21.64
CA GLU A 186 -5.60 -18.32 21.88
C GLU A 186 -4.66 -17.95 22.99
N VAL A 187 -3.92 -16.86 22.83
CA VAL A 187 -3.05 -16.41 23.90
C VAL A 187 -3.85 -15.53 24.86
N VAL A 188 -3.82 -15.87 26.15
CA VAL A 188 -4.59 -15.14 27.16
C VAL A 188 -3.67 -14.43 28.18
N ASP A 189 -2.56 -15.07 28.54
CA ASP A 189 -1.58 -14.44 29.42
C ASP A 189 -0.19 -14.48 28.84
N VAL A 190 0.58 -13.45 29.17
CA VAL A 190 1.97 -13.33 28.73
C VAL A 190 2.84 -13.08 29.93
N ARG A 191 3.88 -13.88 30.13
CA ARG A 191 4.68 -13.70 31.32
C ARG A 191 6.01 -13.04 31.06
N LEU A 192 6.30 -12.00 31.82
CA LEU A 192 7.60 -11.30 31.79
C LEU A 192 8.54 -11.72 32.95
N ASN A 193 9.84 -11.48 32.80
CA ASN A 193 10.76 -11.54 33.94
C ASN A 193 11.03 -10.12 34.49
N ASN A 194 11.90 -10.00 35.47
CA ASN A 194 12.10 -8.69 36.08
C ASN A 194 12.74 -7.72 35.10
N ARG A 195 13.70 -8.25 34.33
CA ARG A 195 14.38 -7.48 33.31
C ARG A 195 13.37 -6.94 32.27
N GLY A 196 12.30 -7.68 32.00
CA GLY A 196 11.21 -7.16 31.21
C GLY A 196 11.08 -7.81 29.85
N TYR A 197 11.62 -9.02 29.74
CA TYR A 197 11.55 -9.84 28.53
C TYR A 197 10.37 -10.82 28.62
N ILE A 198 10.09 -11.56 27.54
CA ILE A 198 8.95 -12.50 27.48
C ILE A 198 9.40 -13.95 27.77
N SER A 199 9.14 -14.48 28.97
CA SER A 199 9.50 -15.88 29.33
C SER A 199 8.55 -16.88 28.71
N ASN A 200 7.24 -16.57 28.70
CA ASN A 200 6.24 -17.51 28.21
C ASN A 200 4.91 -16.88 27.85
N LEU A 201 4.24 -17.51 26.88
CA LEU A 201 2.85 -17.22 26.59
C LEU A 201 1.99 -18.34 27.17
N LEU A 202 0.93 -17.95 27.87
CA LEU A 202 -0.04 -18.94 28.35
C LEU A 202 -1.26 -18.83 27.48
N THR A 203 -1.71 -19.98 26.97
CA THR A 203 -2.82 -20.05 26.01
C THR A 203 -4.14 -20.38 26.71
N LYS A 204 -5.25 -20.29 25.99
CA LYS A 204 -6.55 -20.73 26.51
C LYS A 204 -6.59 -22.26 26.74
N GLU A 205 -6.16 -23.06 25.76
CA GLU A 205 -6.32 -24.53 25.86
C GLU A 205 -5.35 -25.21 26.83
N GLY A 206 -4.54 -24.42 27.55
CA GLY A 206 -3.62 -24.95 28.58
C GLY A 206 -2.13 -24.76 28.30
N ARG A 207 -1.77 -24.50 27.04
CA ARG A 207 -0.37 -24.52 26.62
C ARG A 207 0.44 -23.39 27.20
N THR A 208 1.66 -23.68 27.63
CA THR A 208 2.62 -22.63 27.97
C THR A 208 3.61 -22.53 26.82
N LEU A 209 3.66 -21.39 26.14
CA LEU A 209 4.58 -21.23 25.00
C LEU A 209 5.85 -20.48 25.39
N GLU A 210 6.98 -20.97 24.87
CA GLU A 210 8.31 -20.43 25.16
C GLU A 210 9.13 -20.35 23.90
N ALA A 211 10.00 -19.35 23.82
CA ALA A 211 10.88 -19.17 22.66
C ALA A 211 11.97 -18.13 22.92
N ASP A 212 13.00 -18.13 22.08
CA ASP A 212 14.04 -17.13 22.19
C ASP A 212 13.52 -15.78 21.65
N LEU A 213 12.63 -15.86 20.66
CA LEU A 213 12.21 -14.71 19.88
C LEU A 213 10.69 -14.70 19.55
N PHE A 214 10.04 -13.54 19.73
CA PHE A 214 8.61 -13.42 19.54
C PHE A 214 8.24 -12.38 18.50
N ILE A 215 7.39 -12.78 17.56
CA ILE A 215 6.88 -11.89 16.54
C ILE A 215 5.45 -11.63 16.86
N ASP A 216 5.14 -10.36 17.12
CA ASP A 216 3.79 -9.95 17.40
C ASP A 216 3.12 -9.67 16.07
N CYS A 217 2.32 -10.62 15.61
CA CYS A 217 1.54 -10.45 14.39
C CYS A 217 0.09 -10.48 14.79
N SER A 218 -0.19 -9.95 15.98
CA SER A 218 -1.48 -10.11 16.62
C SER A 218 -2.61 -9.16 16.21
N GLY A 219 -2.38 -8.30 15.21
CA GLY A 219 -3.37 -7.27 14.84
C GLY A 219 -3.16 -6.03 15.69
N MET A 220 -4.05 -5.02 15.55
CA MET A 220 -3.96 -3.74 16.29
C MET A 220 -4.07 -3.91 17.75
N ARG A 221 -4.44 -5.09 18.20
CA ARG A 221 -4.39 -5.30 19.65
C ARG A 221 -2.94 -5.32 20.19
N GLY A 222 -1.95 -5.55 19.33
CA GLY A 222 -0.55 -5.61 19.78
C GLY A 222 -0.42 -6.33 21.13
N LEU A 223 -0.89 -7.58 21.18
CA LEU A 223 -0.91 -8.41 22.38
C LEU A 223 0.41 -8.49 23.09
N LEU A 224 1.45 -8.78 22.31
CA LEU A 224 2.75 -8.83 22.90
C LEU A 224 3.30 -7.43 23.05
N ILE A 225 3.53 -6.74 21.92
CA ILE A 225 4.18 -5.41 21.90
C ILE A 225 3.50 -4.25 22.68
N ASN A 226 2.19 -4.10 22.52
CA ASN A 226 1.49 -3.01 23.20
C ASN A 226 1.02 -3.38 24.61
N GLN A 227 0.33 -4.51 24.74
CA GLN A 227 -0.29 -4.89 25.99
C GLN A 227 0.72 -5.46 27.00
N ALA A 228 1.27 -6.64 26.71
CA ALA A 228 2.25 -7.23 27.57
C ALA A 228 3.39 -6.24 27.77
N LEU A 229 4.08 -5.90 26.69
CA LEU A 229 5.38 -5.19 26.81
C LEU A 229 5.22 -3.72 27.11
N LYS A 230 3.96 -3.27 27.14
CA LYS A 230 3.60 -1.89 27.45
C LYS A 230 4.19 -0.85 26.52
N GLU A 231 4.54 -1.18 25.28
CA GLU A 231 5.16 -0.14 24.43
C GLU A 231 4.12 0.89 23.89
N PRO A 232 4.41 2.21 24.07
CA PRO A 232 3.49 3.26 23.59
C PRO A 232 3.25 3.23 22.09
N PHE A 233 2.02 3.51 21.71
CA PHE A 233 1.65 3.75 20.37
C PHE A 233 1.56 5.27 20.16
N ILE A 234 2.30 5.83 19.20
CA ILE A 234 2.23 7.25 18.94
C ILE A 234 1.04 7.49 18.02
N ASP A 235 -0.02 8.06 18.58
CA ASP A 235 -1.21 8.36 17.81
C ASP A 235 -0.91 9.48 16.81
N MET A 236 -1.44 9.37 15.59
CA MET A 236 -1.14 10.38 14.60
C MET A 236 -2.39 10.91 13.88
N SER A 237 -3.52 11.01 14.59
CA SER A 237 -4.72 11.58 14.02
C SER A 237 -4.53 13.06 13.86
N ASP A 238 -3.39 13.60 14.20
CA ASP A 238 -3.29 15.03 13.99
C ASP A 238 -2.75 15.23 12.58
N TYR A 239 -2.19 14.16 12.02
CA TYR A 239 -1.61 14.12 10.70
C TYR A 239 -2.61 13.69 9.61
N LEU A 240 -3.35 12.62 9.86
CA LEU A 240 -4.31 12.06 8.90
C LEU A 240 -5.60 11.71 9.64
N LEU A 241 -6.76 12.03 9.07
CA LEU A 241 -8.00 12.08 9.86
C LEU A 241 -8.86 10.81 9.81
N CYS A 242 -8.73 10.05 8.73
CA CYS A 242 -9.52 8.85 8.55
C CYS A 242 -9.21 7.80 9.65
N ASP A 243 -10.25 7.20 10.24
CA ASP A 243 -10.01 6.29 11.36
C ASP A 243 -10.95 5.09 11.32
N SER A 244 -11.74 5.00 10.25
CA SER A 244 -12.77 3.95 10.07
C SER A 244 -13.04 3.56 8.63
N ALA A 245 -13.60 2.38 8.47
CA ALA A 245 -13.97 1.95 7.13
C ALA A 245 -15.23 1.10 7.11
N VAL A 246 -15.98 1.14 6.02
CA VAL A 246 -17.07 0.15 5.80
C VAL A 246 -16.82 -0.55 4.46
N ALA A 247 -16.55 -1.85 4.51
CA ALA A 247 -16.10 -2.59 3.31
C ALA A 247 -17.04 -3.72 2.93
N SER A 248 -16.78 -4.34 1.78
CA SER A 248 -17.62 -5.45 1.27
C SER A 248 -17.07 -5.89 -0.08
N ALA A 249 -17.48 -7.07 -0.54
CA ALA A 249 -17.18 -7.53 -1.90
C ALA A 249 -18.40 -7.25 -2.74
N VAL A 250 -18.20 -6.89 -4.01
CA VAL A 250 -19.33 -6.70 -4.92
C VAL A 250 -19.19 -7.50 -6.22
N PRO A 251 -20.28 -8.17 -6.66
CA PRO A 251 -20.41 -8.78 -8.00
C PRO A 251 -20.04 -7.85 -9.12
N ASN A 252 -19.21 -8.34 -10.03
CA ASN A 252 -18.97 -7.61 -11.27
C ASN A 252 -19.37 -8.42 -12.49
N ASP A 253 -20.10 -7.77 -13.39
CA ASP A 253 -20.39 -8.41 -14.63
C ASP A 253 -19.17 -8.22 -15.49
N ASP A 254 -18.24 -9.17 -15.36
CA ASP A 254 -16.97 -9.08 -16.04
C ASP A 254 -17.23 -9.07 -17.54
N ALA A 255 -18.15 -9.92 -18.00
CA ALA A 255 -18.38 -10.12 -19.44
C ALA A 255 -18.86 -8.87 -20.19
N ARG A 256 -19.26 -7.82 -19.48
CA ARG A 256 -19.84 -6.66 -20.11
C ARG A 256 -19.21 -5.32 -19.64
N ASP A 257 -18.74 -5.26 -18.40
CA ASP A 257 -18.07 -4.04 -17.92
C ASP A 257 -16.55 -4.17 -17.81
N GLY A 258 -16.04 -5.37 -18.10
CA GLY A 258 -14.61 -5.58 -18.05
C GLY A 258 -14.09 -5.54 -16.63
N VAL A 259 -12.78 -5.61 -16.51
CA VAL A 259 -12.15 -5.66 -15.23
C VAL A 259 -11.02 -4.69 -15.33
N GLU A 260 -11.19 -3.59 -14.60
CA GLU A 260 -10.23 -2.49 -14.59
C GLU A 260 -8.89 -2.94 -14.08
N PRO A 261 -7.83 -2.61 -14.80
CA PRO A 261 -6.49 -3.00 -14.37
C PRO A 261 -5.90 -2.02 -13.36
N TYR A 262 -6.73 -1.56 -12.41
CA TYR A 262 -6.29 -0.56 -11.43
C TYR A 262 -7.21 -0.49 -10.25
N THR A 263 -6.66 0.06 -9.16
CA THR A 263 -7.39 0.50 -7.99
C THR A 263 -8.03 1.88 -8.24
N SER A 264 -9.29 2.06 -7.84
CA SER A 264 -9.84 3.41 -7.84
C SER A 264 -9.88 3.96 -6.42
N SER A 265 -9.76 5.28 -6.26
CA SER A 265 -10.02 5.88 -4.98
C SER A 265 -10.97 7.04 -5.20
N ILE A 266 -12.25 6.81 -4.88
CA ILE A 266 -13.32 7.74 -5.17
C ILE A 266 -13.53 8.64 -3.94
N ALA A 267 -13.34 9.95 -4.09
CA ALA A 267 -13.33 10.81 -2.93
C ALA A 267 -14.75 10.93 -2.48
N MET A 268 -15.01 10.81 -1.18
CA MET A 268 -16.39 10.97 -0.71
C MET A 268 -16.55 12.30 0.07
N ASN A 269 -17.69 12.47 0.76
CA ASN A 269 -17.89 13.55 1.71
C ASN A 269 -16.90 13.59 2.92
N SER A 270 -16.54 12.42 3.45
CA SER A 270 -15.83 12.36 4.72
C SER A 270 -14.87 11.22 4.70
N GLY A 271 -14.38 10.93 3.51
CA GLY A 271 -13.38 9.92 3.29
C GLY A 271 -13.28 9.68 1.80
N TRP A 272 -12.99 8.44 1.44
CA TRP A 272 -12.91 8.06 0.07
C TRP A 272 -13.10 6.58 0.03
N THR A 273 -13.45 6.06 -1.14
CA THR A 273 -13.80 4.66 -1.30
C THR A 273 -12.84 3.93 -2.25
N TRP A 274 -12.40 2.74 -1.85
CA TRP A 274 -11.56 1.99 -2.76
C TRP A 274 -12.39 1.10 -3.67
N LYS A 275 -11.87 0.83 -4.86
CA LYS A 275 -12.36 -0.23 -5.71
C LYS A 275 -11.18 -1.09 -6.09
N ILE A 276 -11.25 -2.39 -5.83
CA ILE A 276 -10.13 -3.29 -6.11
C ILE A 276 -10.68 -4.46 -6.95
N PRO A 277 -10.75 -4.27 -8.30
CA PRO A 277 -11.31 -5.34 -9.14
C PRO A 277 -10.46 -6.61 -9.18
N MET A 278 -11.11 -7.76 -9.12
CA MET A 278 -10.52 -9.03 -9.57
C MET A 278 -11.56 -9.79 -10.38
N LEU A 279 -11.14 -10.93 -10.93
CA LEU A 279 -12.08 -11.70 -11.71
C LEU A 279 -13.34 -11.97 -10.87
N GLY A 280 -14.51 -11.70 -11.47
CA GLY A 280 -15.81 -11.98 -10.87
C GLY A 280 -16.39 -10.89 -9.99
N ARG A 281 -15.50 -10.16 -9.30
CA ARG A 281 -15.92 -9.32 -8.20
C ARG A 281 -14.92 -8.19 -7.96
N PHE A 282 -15.32 -7.22 -7.14
CA PHE A 282 -14.34 -6.29 -6.62
C PHE A 282 -14.55 -5.97 -5.15
N GLY A 283 -13.43 -5.73 -4.45
CA GLY A 283 -13.45 -5.31 -3.07
C GLY A 283 -13.60 -3.81 -3.03
N SER A 284 -14.41 -3.32 -2.11
CA SER A 284 -14.65 -1.90 -1.98
C SER A 284 -14.79 -1.51 -0.54
N GLY A 285 -14.46 -0.25 -0.23
CA GLY A 285 -14.43 0.21 1.16
C GLY A 285 -14.51 1.71 1.21
N TYR A 286 -15.45 2.22 1.96
CA TYR A 286 -15.48 3.62 2.18
C TYR A 286 -14.70 3.81 3.44
N VAL A 287 -13.46 4.25 3.29
CA VAL A 287 -12.61 4.69 4.39
C VAL A 287 -13.08 6.08 4.74
N PHE A 288 -13.39 6.31 6.02
CA PHE A 288 -14.00 7.59 6.43
C PHE A 288 -13.50 8.10 7.77
N SER A 289 -13.94 9.29 8.17
CA SER A 289 -13.55 9.80 9.50
C SER A 289 -14.70 9.96 10.45
N SER A 290 -14.67 9.16 11.51
CA SER A 290 -15.72 9.15 12.54
C SER A 290 -16.02 10.56 13.08
N HIS A 291 -15.00 11.42 13.10
CA HIS A 291 -15.18 12.81 13.50
C HIS A 291 -16.12 13.61 12.58
N PHE A 292 -16.17 13.27 11.29
CA PHE A 292 -16.92 14.08 10.33
C PHE A 292 -18.21 13.48 9.86
N THR A 293 -18.36 12.17 10.01
CA THR A 293 -19.59 11.44 9.64
C THR A 293 -19.81 10.27 10.61
N SER A 294 -21.06 9.96 10.89
CA SER A 294 -21.41 8.79 11.70
C SER A 294 -21.14 7.57 10.83
N ARG A 295 -20.84 6.45 11.48
CA ARG A 295 -20.62 5.16 10.81
C ARG A 295 -21.86 4.73 10.02
N ASP A 296 -23.06 4.94 10.58
CA ASP A 296 -24.31 4.64 9.87
C ASP A 296 -24.54 5.51 8.63
N GLN A 297 -24.04 6.74 8.63
CA GLN A 297 -24.19 7.62 7.47
C GLN A 297 -23.25 7.12 6.36
N ALA A 298 -22.04 6.73 6.76
CA ALA A 298 -21.08 6.30 5.81
C ALA A 298 -21.54 4.98 5.19
N THR A 299 -22.20 4.13 5.96
CA THR A 299 -22.81 2.92 5.38
C THR A 299 -23.80 3.31 4.28
N ALA A 300 -24.65 4.29 4.58
CA ALA A 300 -25.67 4.70 3.66
C ALA A 300 -25.00 5.17 2.35
N ASP A 301 -23.94 5.98 2.49
CA ASP A 301 -23.20 6.55 1.32
C ASP A 301 -22.58 5.41 0.51
N PHE A 302 -22.01 4.44 1.23
CA PHE A 302 -21.33 3.29 0.66
C PHE A 302 -22.30 2.42 -0.13
N LEU A 303 -23.51 2.19 0.39
CA LEU A 303 -24.53 1.47 -0.37
C LEU A 303 -25.11 2.29 -1.54
N LYS A 304 -25.32 3.59 -1.29
CA LYS A 304 -25.89 4.52 -2.27
C LYS A 304 -24.94 4.53 -3.44
N LEU A 305 -23.63 4.58 -3.19
CA LEU A 305 -22.65 4.68 -4.28
C LEU A 305 -22.59 3.48 -5.26
N TRP A 306 -22.79 2.27 -4.77
CA TRP A 306 -22.77 1.09 -5.66
C TRP A 306 -24.18 0.48 -5.90
N GLY A 307 -25.24 1.13 -5.42
CA GLY A 307 -26.61 0.61 -5.49
C GLY A 307 -26.71 -0.74 -4.80
N LEU A 308 -26.10 -0.88 -3.62
CA LEU A 308 -26.24 -2.14 -2.87
C LEU A 308 -27.55 -2.21 -2.06
N SER A 309 -27.89 -3.38 -1.50
CA SER A 309 -29.08 -3.43 -0.68
C SER A 309 -28.78 -3.48 0.83
N ASP A 310 -29.70 -2.94 1.62
CA ASP A 310 -29.56 -2.94 3.08
C ASP A 310 -29.61 -4.36 3.65
N ASN A 311 -29.62 -5.35 2.74
CA ASN A 311 -29.45 -6.76 3.09
C ASN A 311 -28.01 -7.28 2.96
N GLN A 312 -27.17 -6.50 2.32
CA GLN A 312 -25.78 -6.88 1.98
C GLN A 312 -24.81 -7.03 3.20
N PRO A 313 -24.32 -8.25 3.50
CA PRO A 313 -23.29 -8.34 4.55
C PRO A 313 -22.06 -7.45 4.34
N LEU A 314 -21.56 -6.86 5.44
CA LEU A 314 -20.47 -5.87 5.45
C LEU A 314 -19.40 -6.15 6.49
N ASN A 315 -18.23 -5.55 6.27
CA ASN A 315 -17.11 -5.60 7.21
C ASN A 315 -16.95 -4.18 7.79
N GLN A 316 -17.36 -4.01 9.07
CA GLN A 316 -17.34 -2.71 9.75
C GLN A 316 -16.06 -2.62 10.49
N ILE A 317 -15.21 -1.64 10.12
CA ILE A 317 -13.81 -1.55 10.63
C ILE A 317 -13.49 -0.22 11.33
N LYS A 318 -12.68 -0.30 12.38
CA LYS A 318 -12.16 0.84 13.18
C LYS A 318 -10.62 0.77 12.99
N PHE A 319 -9.90 1.85 12.69
CA PHE A 319 -8.43 1.70 12.67
C PHE A 319 -7.63 2.77 13.43
N ARG A 320 -6.42 2.40 13.90
CA ARG A 320 -5.53 3.28 14.67
C ARG A 320 -4.46 3.75 13.74
N VAL A 321 -4.12 5.02 13.80
CA VAL A 321 -3.20 5.61 12.83
C VAL A 321 -1.98 6.05 13.63
N GLY A 322 -0.81 5.53 13.24
CA GLY A 322 0.43 5.74 13.96
C GLY A 322 1.40 4.58 13.81
N ARG A 323 2.34 4.52 14.77
CA ARG A 323 3.45 3.56 14.84
C ARG A 323 3.82 3.43 16.32
N ASN A 324 4.26 2.23 16.75
CA ASN A 324 4.73 2.04 18.13
C ASN A 324 5.95 2.92 18.30
N LYS A 325 6.14 3.44 19.50
CA LYS A 325 7.30 4.26 19.73
C LYS A 325 8.52 3.48 19.15
N ARG A 326 8.49 2.16 19.33
CA ARG A 326 9.55 1.26 18.92
C ARG A 326 8.94 -0.04 18.43
N ALA A 327 9.29 -0.49 17.21
CA ALA A 327 8.73 -1.72 16.61
C ALA A 327 9.21 -3.03 17.27
N TRP A 328 10.42 -2.99 17.81
CA TRP A 328 11.04 -4.17 18.36
C TRP A 328 11.66 -3.79 19.70
N VAL A 329 11.12 -4.38 20.75
CA VAL A 329 11.54 -4.13 22.13
C VAL A 329 11.90 -5.47 22.76
N ASN A 330 13.05 -5.51 23.41
CA ASN A 330 13.52 -6.73 24.05
C ASN A 330 13.54 -7.86 23.02
N ASN A 331 12.79 -8.93 23.26
CA ASN A 331 12.88 -10.10 22.39
C ASN A 331 11.56 -10.19 21.67
N CYS A 332 10.90 -9.06 21.55
CA CYS A 332 9.69 -9.01 20.75
C CYS A 332 9.74 -8.04 19.56
N VAL A 333 9.32 -8.55 18.41
CA VAL A 333 9.26 -7.77 17.16
C VAL A 333 7.86 -7.78 16.55
N SER A 334 7.33 -6.59 16.31
CA SER A 334 6.01 -6.47 15.76
C SER A 334 6.03 -6.27 14.25
N ILE A 335 5.22 -7.06 13.56
CA ILE A 335 5.15 -7.06 12.12
C ILE A 335 3.66 -6.90 11.78
N GLY A 336 3.29 -5.97 10.90
CA GLY A 336 1.91 -5.86 10.45
C GLY A 336 1.04 -4.86 11.23
N LEU A 337 -0.24 -5.17 11.46
CA LEU A 337 -1.10 -4.23 12.16
C LEU A 337 -0.75 -4.03 13.67
N SER A 338 -0.05 -5.00 14.26
CA SER A 338 0.48 -4.82 15.62
C SER A 338 1.54 -3.69 15.65
N SER A 339 2.05 -3.30 14.47
CA SER A 339 3.01 -2.21 14.39
C SER A 339 2.29 -0.98 13.82
N CYS A 340 2.73 -0.45 12.70
CA CYS A 340 2.31 0.88 12.30
C CYS A 340 1.46 0.82 11.08
N PHE A 341 0.35 1.57 11.10
CA PHE A 341 -0.52 1.72 9.96
C PHE A 341 -0.69 3.20 9.62
N LEU A 342 -1.04 3.47 8.38
CA LEU A 342 -1.38 4.82 7.90
C LEU A 342 -2.86 4.92 7.55
N GLU A 343 -3.22 4.22 6.48
CA GLU A 343 -4.57 4.18 5.93
C GLU A 343 -4.41 3.61 4.51
N PRO A 344 -5.42 2.91 3.97
CA PRO A 344 -5.16 2.14 2.74
C PRO A 344 -4.89 2.92 1.45
N LEU A 345 -4.85 4.26 1.52
CA LEU A 345 -4.80 5.13 0.36
C LEU A 345 -3.75 4.85 -0.71
N GLU A 346 -2.57 4.36 -0.35
CA GLU A 346 -1.67 3.97 -1.45
C GLU A 346 -1.06 2.60 -1.25
N SER A 347 -1.77 1.71 -0.57
CA SER A 347 -1.35 0.35 -0.32
C SER A 347 0.02 0.29 0.37
N THR A 348 0.22 1.00 1.48
CA THR A 348 1.50 0.93 2.12
C THR A 348 1.50 -0.16 3.19
N GLY A 349 0.37 -0.82 3.36
CA GLY A 349 0.23 -1.75 4.46
C GLY A 349 1.00 -3.05 4.33
N ILE A 350 0.62 -3.86 3.35
CA ILE A 350 1.31 -5.12 3.14
C ILE A 350 2.81 -4.88 2.97
N TYR A 351 3.11 -3.76 2.33
CA TYR A 351 4.47 -3.28 2.18
C TYR A 351 5.13 -3.08 3.53
N PHE A 352 4.45 -2.51 4.50
CA PHE A 352 5.07 -2.42 5.82
C PHE A 352 5.42 -3.80 6.36
N ILE A 353 4.60 -4.82 6.09
CA ILE A 353 4.89 -6.22 6.51
C ILE A 353 6.21 -6.69 5.89
N TYR A 354 6.25 -6.79 4.55
CA TYR A 354 7.39 -7.49 3.96
C TYR A 354 8.64 -6.64 4.04
N ALA A 355 8.48 -5.32 4.06
CA ALA A 355 9.68 -4.50 4.22
C ALA A 355 10.28 -4.71 5.62
N ALA A 356 9.43 -4.73 6.64
CA ALA A 356 9.86 -5.01 8.00
C ALA A 356 10.57 -6.38 8.13
N LEU A 357 10.11 -7.38 7.38
CA LEU A 357 10.66 -8.74 7.50
C LEU A 357 12.03 -8.75 6.83
N TYR A 358 12.16 -8.08 5.71
CA TYR A 358 13.47 -7.82 5.15
C TYR A 358 14.40 -7.16 6.16
N GLN A 359 13.96 -6.07 6.79
CA GLN A 359 14.77 -5.45 7.81
C GLN A 359 15.01 -6.37 9.00
N LEU A 360 14.04 -7.21 9.35
CA LEU A 360 14.27 -8.12 10.47
C LEU A 360 15.41 -9.06 10.15
N VAL A 361 15.39 -9.62 8.95
CA VAL A 361 16.44 -10.55 8.61
C VAL A 361 17.80 -9.82 8.45
N LYS A 362 17.76 -8.60 7.92
CA LYS A 362 18.99 -7.78 7.78
C LYS A 362 19.62 -7.45 9.14
N HIS A 363 18.77 -7.39 10.19
CA HIS A 363 19.18 -7.11 11.57
C HIS A 363 18.99 -8.31 12.55
N PHE A 364 19.14 -9.54 12.05
CA PHE A 364 18.72 -10.69 12.83
C PHE A 364 19.62 -10.89 14.04
N PRO A 365 19.01 -11.10 15.22
CA PRO A 365 19.76 -11.18 16.48
C PRO A 365 20.16 -12.60 16.89
N ASP A 366 20.98 -12.69 17.93
CA ASP A 366 21.24 -13.93 18.62
C ASP A 366 20.57 -13.77 19.99
N THR A 367 20.80 -14.69 20.90
CA THR A 367 20.06 -14.64 22.15
C THR A 367 20.54 -13.51 23.10
N SER A 368 21.74 -12.96 22.87
CA SER A 368 22.18 -11.85 23.73
C SER A 368 21.33 -10.58 23.51
N PHE A 369 20.65 -10.54 22.36
CA PHE A 369 19.82 -9.41 21.92
C PHE A 369 20.53 -8.09 21.96
N ASP A 370 21.61 -8.03 21.17
CA ASP A 370 22.36 -6.77 20.95
C ASP A 370 21.42 -5.59 20.62
N PRO A 371 21.29 -4.64 21.56
CA PRO A 371 20.38 -3.52 21.32
C PRO A 371 20.81 -2.57 20.21
N ARG A 372 22.03 -2.70 19.75
CA ARG A 372 22.47 -1.94 18.60
C ARG A 372 21.73 -2.46 17.36
N LEU A 373 21.31 -3.73 17.38
CA LEU A 373 20.59 -4.31 16.25
C LEU A 373 19.12 -3.86 16.27
N SER A 374 18.47 -4.10 17.43
CA SER A 374 17.16 -3.52 17.73
C SER A 374 17.08 -2.02 17.40
N ASP A 375 17.99 -1.18 17.88
CA ASP A 375 17.93 0.26 17.49
C ASP A 375 17.98 0.50 15.98
N ALA A 376 18.99 -0.08 15.31
CA ALA A 376 19.11 0.09 13.87
C ALA A 376 17.77 -0.23 13.19
N PHE A 377 17.16 -1.35 13.60
CA PHE A 377 15.94 -1.85 12.99
C PHE A 377 14.83 -0.84 13.17
N ASN A 378 14.59 -0.48 14.44
CA ASN A 378 13.62 0.54 14.81
C ASN A 378 13.69 1.82 13.98
N ALA A 379 14.92 2.26 13.70
CA ALA A 379 15.14 3.47 12.93
C ALA A 379 14.71 3.31 11.48
N GLU A 380 14.86 2.10 10.91
CA GLU A 380 14.51 1.86 9.51
C GLU A 380 13.00 1.85 9.40
N ILE A 381 12.35 1.15 10.33
CA ILE A 381 10.91 1.19 10.42
C ILE A 381 10.44 2.67 10.49
N VAL A 382 10.92 3.46 11.45
CA VAL A 382 10.53 4.87 11.50
C VAL A 382 10.66 5.61 10.10
N HIS A 383 11.74 5.37 9.38
CA HIS A 383 12.05 6.14 8.19
C HIS A 383 11.12 5.71 7.07
N MET A 384 10.87 4.41 6.99
CA MET A 384 9.98 3.83 5.98
C MET A 384 8.55 4.33 6.26
N PHE A 385 8.18 4.23 7.52
CA PHE A 385 6.88 4.67 7.88
C PHE A 385 6.74 6.18 7.66
N ASP A 386 7.70 6.96 8.15
CA ASP A 386 7.67 8.39 7.97
C ASP A 386 7.56 8.77 6.47
N ASP A 387 8.38 8.15 5.62
CA ASP A 387 8.31 8.48 4.21
C ASP A 387 6.93 8.30 3.61
N CYS A 388 6.35 7.14 3.90
CA CYS A 388 4.99 6.83 3.47
C CYS A 388 4.00 7.85 3.95
N ARG A 389 4.12 8.25 5.20
CA ARG A 389 3.19 9.18 5.77
C ARG A 389 3.23 10.53 5.06
N ASP A 390 4.42 11.08 4.82
CA ASP A 390 4.58 12.23 3.93
C ASP A 390 3.68 12.06 2.69
N PHE A 391 3.95 11.03 1.90
CA PHE A 391 3.26 10.82 0.62
C PHE A 391 1.71 10.70 0.74
N VAL A 392 1.19 9.91 1.67
CA VAL A 392 -0.27 9.80 1.83
C VAL A 392 -0.83 11.15 2.22
N GLN A 393 -0.18 11.77 3.21
CA GLN A 393 -0.65 13.04 3.77
C GLN A 393 -0.79 14.07 2.68
N ALA A 394 0.16 14.03 1.75
CA ALA A 394 0.23 14.92 0.59
C ALA A 394 -1.01 14.83 -0.30
N HIS A 395 -1.74 13.71 -0.26
CA HIS A 395 -2.96 13.62 -1.07
C HIS A 395 -4.03 14.50 -0.46
N TYR A 396 -3.84 14.93 0.77
CA TYR A 396 -4.95 15.49 1.52
C TYR A 396 -4.89 16.99 1.66
N PHE A 397 -3.70 17.54 1.86
CA PHE A 397 -3.63 18.93 2.24
C PHE A 397 -3.45 19.83 1.03
N THR A 398 -3.34 19.20 -0.15
CA THR A 398 -3.19 19.96 -1.38
C THR A 398 -4.54 20.10 -2.08
N THR A 399 -5.58 19.54 -1.47
CA THR A 399 -6.89 19.42 -2.11
C THR A 399 -7.43 20.80 -2.31
N SER A 400 -8.17 20.97 -3.38
CA SER A 400 -8.89 22.21 -3.53
C SER A 400 -10.33 22.11 -3.01
N ARG A 401 -10.86 20.91 -2.87
CA ARG A 401 -12.23 20.75 -2.38
C ARG A 401 -12.45 21.50 -1.04
N ASP A 402 -13.60 22.16 -0.91
CA ASP A 402 -14.04 22.88 0.31
C ASP A 402 -15.54 22.73 0.60
N ASP A 403 -16.14 21.73 -0.01
CA ASP A 403 -17.55 21.50 0.04
C ASP A 403 -18.05 20.75 1.27
N THR A 404 -17.15 20.21 2.10
CA THR A 404 -17.53 19.52 3.36
C THR A 404 -16.54 19.89 4.45
N PRO A 405 -16.95 19.76 5.72
CA PRO A 405 -16.04 19.95 6.85
C PRO A 405 -14.76 19.14 6.81
N PHE A 406 -14.82 17.93 6.23
CA PHE A 406 -13.68 17.00 6.22
C PHE A 406 -12.65 17.53 5.23
N TRP A 407 -13.13 18.04 4.09
CA TRP A 407 -12.22 18.59 3.08
C TRP A 407 -11.60 19.91 3.52
N LEU A 408 -12.38 20.70 4.26
CA LEU A 408 -11.89 21.90 4.91
C LEU A 408 -10.75 21.58 5.89
N ALA A 409 -10.94 20.54 6.70
CA ALA A 409 -9.93 20.20 7.73
C ALA A 409 -8.64 19.73 7.09
N ASN A 410 -8.75 18.88 6.06
CA ASN A 410 -7.56 18.40 5.39
C ASN A 410 -6.78 19.57 4.84
N ARG A 411 -7.49 20.47 4.21
CA ARG A 411 -6.91 21.70 3.69
C ARG A 411 -6.27 22.55 4.82
N HIS A 412 -6.75 22.43 6.05
CA HIS A 412 -6.41 23.48 6.99
C HIS A 412 -5.83 23.11 8.32
N ASP A 413 -6.22 21.96 8.81
CA ASP A 413 -6.07 21.65 10.20
C ASP A 413 -4.95 20.67 10.48
N LEU A 414 -4.30 20.17 9.43
CA LEU A 414 -3.35 19.09 9.60
C LEU A 414 -2.00 19.51 10.17
N ARG A 415 -1.38 18.60 10.90
CA ARG A 415 0.00 18.76 11.32
C ARG A 415 0.83 18.06 10.26
N LEU A 416 1.79 18.80 9.74
CA LEU A 416 2.53 18.37 8.58
C LEU A 416 3.93 18.26 9.02
N SER A 417 4.58 17.16 8.68
CA SER A 417 6.00 17.03 9.01
C SER A 417 6.81 18.16 8.34
N ASP A 418 8.02 18.39 8.84
CA ASP A 418 8.86 19.44 8.30
C ASP A 418 9.40 18.98 7.02
N ALA A 419 9.41 17.68 6.84
CA ALA A 419 9.94 17.05 5.65
C ALA A 419 8.98 17.15 4.46
N ILE A 420 7.67 17.06 4.73
CA ILE A 420 6.71 17.21 3.64
C ILE A 420 6.57 18.66 3.21
N LYS A 421 6.63 19.59 4.18
CA LYS A 421 6.66 21.04 3.89
C LYS A 421 7.82 21.43 2.96
N GLU A 422 9.00 20.95 3.24
CA GLU A 422 10.17 21.25 2.39
C GLU A 422 10.06 20.69 0.95
N LYS A 423 9.58 19.45 0.82
CA LYS A 423 9.27 18.84 -0.49
C LYS A 423 8.24 19.68 -1.27
N VAL A 424 7.13 20.06 -0.61
CA VAL A 424 6.10 20.91 -1.22
C VAL A 424 6.72 22.22 -1.68
N GLN A 425 7.46 22.88 -0.80
CA GLN A 425 8.13 24.12 -1.17
C GLN A 425 9.15 23.95 -2.33
N ARG A 426 9.85 22.83 -2.38
CA ARG A 426 10.73 22.64 -3.53
C ARG A 426 9.98 22.45 -4.83
N TYR A 427 8.85 21.72 -4.77
CA TYR A 427 7.95 21.51 -5.93
C TYR A 427 7.34 22.85 -6.27
N LYS A 428 7.01 23.66 -5.27
CA LYS A 428 6.39 24.92 -5.61
C LYS A 428 7.36 25.85 -6.33
N ALA A 429 8.64 25.85 -5.95
CA ALA A 429 9.64 26.66 -6.67
C ALA A 429 9.86 26.13 -8.08
N GLY A 430 9.55 24.86 -8.33
CA GLY A 430 9.72 24.31 -9.67
C GLY A 430 10.82 23.27 -9.82
N LEU A 431 11.44 22.87 -8.70
CA LEU A 431 12.50 21.86 -8.71
C LEU A 431 11.98 20.39 -8.78
N PRO A 432 12.64 19.53 -9.59
CA PRO A 432 12.25 18.13 -9.59
C PRO A 432 12.41 17.55 -8.18
N LEU A 433 11.63 16.55 -7.79
CA LEU A 433 11.90 15.87 -6.50
C LEU A 433 12.93 14.78 -6.74
N THR A 434 12.86 13.65 -6.04
CA THR A 434 13.87 12.61 -6.29
C THR A 434 13.54 11.90 -7.60
N THR A 435 14.53 11.83 -8.50
CA THR A 435 14.43 11.11 -9.77
C THR A 435 15.28 9.84 -9.76
N THR A 436 15.20 9.02 -10.80
CA THR A 436 16.17 7.95 -10.92
C THR A 436 16.56 7.72 -12.42
N SER A 437 17.67 7.00 -12.66
CA SER A 437 18.14 6.70 -14.03
C SER A 437 17.44 5.50 -14.68
N GLU A 450 16.21 0.62 -3.06
CA GLU A 450 14.79 0.98 -3.10
C GLU A 450 14.21 1.71 -1.84
N PHE A 451 15.04 1.84 -0.80
CA PHE A 451 14.62 2.52 0.43
C PHE A 451 14.87 4.05 0.41
N PHE A 454 12.31 6.03 -2.39
CA PHE A 454 11.18 5.14 -2.65
C PHE A 454 9.97 5.75 -3.43
N TRP A 455 9.49 6.94 -3.00
CA TRP A 455 8.48 7.78 -3.73
C TRP A 455 9.09 8.96 -4.57
N LEU A 456 9.10 8.80 -5.89
CA LEU A 456 9.89 9.68 -6.78
C LEU A 456 9.16 10.94 -7.29
N ASN A 457 9.90 11.77 -8.01
CA ASN A 457 9.36 12.97 -8.63
C ASN A 457 8.06 12.62 -9.31
N GLY A 458 8.07 11.56 -10.12
CA GLY A 458 6.88 11.10 -10.85
C GLY A 458 5.68 10.79 -9.97
N ASN A 459 5.92 10.38 -8.72
CA ASN A 459 4.81 10.08 -7.83
C ASN A 459 4.20 11.33 -7.23
N TYR A 460 5.06 12.18 -6.67
CA TYR A 460 4.55 13.46 -6.19
C TYR A 460 3.88 14.20 -7.31
N TYR A 461 4.41 14.07 -8.52
CA TYR A 461 3.87 14.82 -9.61
C TYR A 461 2.48 14.38 -10.01
N CYS A 462 2.24 13.07 -10.19
CA CYS A 462 0.89 12.61 -10.51
C CYS A 462 -0.10 13.12 -9.46
N ILE A 463 0.30 13.02 -8.20
CA ILE A 463 -0.60 13.37 -7.13
C ILE A 463 -0.87 14.87 -7.17
N PHE A 464 0.17 15.68 -7.08
CA PHE A 464 0.04 17.12 -7.03
C PHE A 464 -0.65 17.60 -8.26
N ALA A 465 -0.22 17.11 -9.40
CA ALA A 465 -0.76 17.65 -10.66
C ALA A 465 -2.24 17.28 -10.81
N GLY A 466 -2.59 16.06 -10.37
CA GLY A 466 -3.96 15.57 -10.35
C GLY A 466 -4.95 16.41 -9.55
N LEU A 467 -4.46 16.99 -8.44
CA LEU A 467 -5.29 17.78 -7.50
C LEU A 467 -5.26 19.25 -7.87
N GLY A 468 -4.51 19.55 -8.93
CA GLY A 468 -4.46 20.91 -9.45
C GLY A 468 -3.60 21.88 -8.65
N MET A 469 -2.65 21.39 -7.86
CA MET A 469 -1.57 22.28 -7.41
C MET A 469 -0.29 22.12 -8.25
N LEU A 470 -0.08 23.04 -9.17
CA LEU A 470 1.08 23.03 -10.04
C LEU A 470 2.09 24.02 -9.52
N PRO A 471 3.37 23.85 -9.88
CA PRO A 471 4.41 24.80 -9.50
C PRO A 471 4.17 26.22 -9.98
N ASP A 472 4.86 27.18 -9.37
CA ASP A 472 4.75 28.59 -9.73
C ASP A 472 5.29 28.88 -11.10
N ARG A 473 6.24 28.08 -11.59
CA ARG A 473 6.85 28.33 -12.90
C ARG A 473 7.68 27.15 -13.33
N SER A 474 8.15 27.20 -14.58
CA SER A 474 9.02 26.16 -15.11
C SER A 474 10.47 26.57 -14.82
N LEU A 475 11.43 25.69 -15.09
CA LEU A 475 12.82 25.85 -14.56
C LEU A 475 13.58 26.92 -15.28
N PRO A 476 14.03 27.92 -14.55
CA PRO A 476 14.84 28.98 -15.15
C PRO A 476 15.84 28.44 -16.16
N LEU A 477 16.38 27.25 -15.89
CA LEU A 477 17.36 26.58 -16.75
C LEU A 477 16.90 26.31 -18.21
N LEU A 478 15.60 26.04 -18.37
CA LEU A 478 15.03 25.70 -19.66
C LEU A 478 15.12 26.82 -20.67
N GLN A 479 15.18 28.06 -20.20
CA GLN A 479 15.19 29.17 -21.14
C GLN A 479 16.49 29.11 -21.91
N HIS A 480 17.45 28.32 -21.41
CA HIS A 480 18.82 28.34 -21.90
C HIS A 480 19.17 27.19 -22.81
N ARG A 481 18.24 26.23 -22.88
CA ARG A 481 18.51 24.98 -23.57
C ARG A 481 17.37 24.65 -24.54
N PRO A 482 17.20 25.48 -25.59
CA PRO A 482 16.17 25.21 -26.58
C PRO A 482 16.28 23.85 -27.28
N GLU A 483 17.50 23.39 -27.59
CA GLU A 483 17.63 22.06 -28.18
C GLU A 483 17.01 21.06 -27.25
N SER A 484 17.29 21.23 -25.96
CA SER A 484 16.81 20.30 -24.94
C SER A 484 15.29 20.21 -25.08
N ILE A 485 14.67 21.38 -25.29
CA ILE A 485 13.23 21.46 -25.35
C ILE A 485 12.79 20.62 -26.50
N GLU A 486 13.55 20.64 -27.58
CA GLU A 486 13.20 19.93 -28.81
C GLU A 486 13.28 18.43 -28.61
N LYS A 487 14.40 18.00 -28.05
CA LYS A 487 14.58 16.61 -27.76
C LYS A 487 13.38 16.11 -26.96
N ALA A 488 12.96 16.84 -25.93
CA ALA A 488 11.78 16.43 -25.19
C ALA A 488 10.56 16.33 -26.08
N GLU A 489 10.33 17.30 -26.97
CA GLU A 489 9.27 17.13 -27.98
C GLU A 489 9.25 15.74 -28.66
N ALA A 490 10.41 15.24 -29.05
CA ALA A 490 10.54 13.95 -29.65
C ALA A 490 10.15 12.85 -28.65
N MET A 491 10.61 12.99 -27.42
CA MET A 491 10.29 11.99 -26.43
C MET A 491 8.79 11.98 -26.21
N PHE A 492 8.15 13.16 -26.21
CA PHE A 492 6.70 13.20 -26.14
C PHE A 492 6.11 12.51 -27.35
N ALA A 493 6.78 12.62 -28.48
CA ALA A 493 6.27 11.99 -29.68
C ALA A 493 6.37 10.46 -29.62
N SER A 494 7.49 9.90 -29.16
CA SER A 494 7.54 8.44 -28.94
C SER A 494 6.40 7.92 -28.07
N ILE A 495 6.21 8.59 -26.94
CA ILE A 495 5.26 8.17 -25.93
C ILE A 495 3.88 8.01 -26.57
N ARG A 496 3.54 8.93 -27.46
CA ARG A 496 2.25 8.95 -28.15
C ARG A 496 2.12 7.72 -29.07
N ARG A 497 3.20 7.42 -29.78
CA ARG A 497 3.32 6.24 -30.61
C ARG A 497 3.11 4.98 -29.78
N GLU A 498 3.82 4.91 -28.66
CA GLU A 498 3.65 3.78 -27.77
C GLU A 498 2.22 3.66 -27.26
N ALA A 499 1.63 4.79 -26.81
CA ALA A 499 0.24 4.77 -26.33
C ALA A 499 -0.63 4.18 -27.43
N GLU A 500 -0.49 4.74 -28.61
CA GLU A 500 -1.17 4.25 -29.80
C GLU A 500 -0.94 2.75 -30.07
N ARG A 501 0.30 2.30 -30.23
CA ARG A 501 0.50 0.85 -30.43
C ARG A 501 -0.26 0.00 -29.38
N LEU A 502 -0.10 0.35 -28.11
CA LEU A 502 -0.74 -0.40 -27.04
C LEU A 502 -2.27 -0.53 -27.28
N ARG A 503 -2.89 0.55 -27.76
CA ARG A 503 -4.35 0.58 -27.92
C ARG A 503 -4.85 -0.59 -28.76
N THR A 504 -4.06 -0.93 -29.78
CA THR A 504 -4.41 -1.94 -30.78
C THR A 504 -3.75 -3.27 -30.50
N SER A 505 -2.86 -3.33 -29.49
CA SER A 505 -2.04 -4.54 -29.16
C SER A 505 -2.40 -5.28 -27.87
N LEU A 506 -2.75 -4.57 -26.78
CA LEU A 506 -3.09 -5.28 -25.54
C LEU A 506 -4.46 -5.96 -25.64
N PRO A 507 -4.62 -7.15 -25.04
CA PRO A 507 -5.95 -7.72 -24.91
C PRO A 507 -6.63 -7.05 -23.73
N THR A 508 -7.96 -7.13 -23.62
CA THR A 508 -8.57 -6.53 -22.44
C THR A 508 -8.08 -7.29 -21.22
N ASN A 509 -8.20 -6.65 -20.08
CA ASN A 509 -7.78 -7.22 -18.84
C ASN A 509 -8.66 -8.43 -18.53
N TYR A 510 -9.96 -8.32 -18.81
CA TYR A 510 -10.88 -9.46 -18.61
C TYR A 510 -10.41 -10.68 -19.35
N ASP A 511 -10.14 -10.50 -20.65
CA ASP A 511 -9.71 -11.61 -21.49
C ASP A 511 -8.36 -12.15 -21.05
N TYR A 512 -7.43 -11.25 -20.73
CA TYR A 512 -6.11 -11.69 -20.30
C TYR A 512 -6.12 -12.56 -19.05
N LEU A 513 -6.63 -12.00 -17.96
CA LEU A 513 -6.86 -12.74 -16.75
C LEU A 513 -7.61 -14.07 -17.00
N ARG A 514 -8.71 -14.00 -17.75
CA ARG A 514 -9.53 -15.19 -17.99
C ARG A 514 -8.73 -16.41 -18.35
N SER A 515 -7.61 -16.22 -19.04
CA SER A 515 -6.70 -17.34 -19.37
C SER A 515 -5.48 -17.39 -18.45
N LEU A 516 -5.66 -17.98 -17.26
CA LEU A 516 -4.56 -18.51 -16.44
C LEU A 516 -5.05 -19.84 -15.86
N ARG A 517 -5.85 -20.56 -16.65
CA ARG A 517 -6.96 -21.35 -16.11
C ARG A 517 -8.08 -20.31 -15.82
N ASP A 518 -9.26 -20.54 -16.41
CA ASP A 518 -10.46 -19.65 -16.28
C ASP A 518 -10.84 -19.26 -14.81
PA FDA B . -5.14 -9.12 11.47
O1A FDA B . -5.77 -9.44 10.01
O2A FDA B . -5.88 -8.24 12.45
O5B FDA B . -4.87 -10.63 11.90
C5B FDA B . -4.65 -10.89 13.28
C4B FDA B . -4.28 -12.35 13.53
O4B FDA B . -3.86 -12.32 14.93
C3B FDA B . -5.41 -13.40 13.44
O3B FDA B . -4.83 -14.65 12.97
C2B FDA B . -5.84 -13.54 14.90
O2B FDA B . -6.39 -14.86 15.09
C1B FDA B . -4.49 -13.42 15.62
N9A FDA B . -4.58 -13.09 17.08
C8A FDA B . -4.89 -11.89 17.61
N7A FDA B . -4.91 -11.97 18.94
C5A FDA B . -4.60 -13.22 19.25
C6A FDA B . -4.46 -13.88 20.47
N6A FDA B . -4.65 -13.22 21.63
N1A FDA B . -4.11 -15.19 20.44
C2A FDA B . -3.94 -15.85 19.29
N3A FDA B . -4.06 -15.24 18.12
C4A FDA B . -4.39 -13.93 18.08
N1 FDA B . -2.55 -2.94 3.03
C2 FDA B . -2.08 -2.80 1.72
O2 FDA B . -0.88 -2.92 1.47
N3 FDA B . -3.02 -2.51 0.69
C4 FDA B . -4.40 -2.36 0.98
O4 FDA B . -5.18 -2.11 0.04
C4X FDA B . -4.85 -2.51 2.31
N5 FDA B . -6.21 -2.37 2.68
C5X FDA B . -6.56 -2.12 4.03
C6 FDA B . -7.81 -1.60 4.36
C7 FDA B . -8.13 -1.37 5.70
C7M FDA B . -9.50 -0.80 6.03
C8 FDA B . -7.21 -1.70 6.71
C8M FDA B . -7.49 -1.50 8.19
C9 FDA B . -5.97 -2.22 6.38
C9A FDA B . -5.64 -2.44 5.04
N10 FDA B . -4.36 -2.95 4.70
C10 FDA B . -3.91 -2.81 3.34
C1' FDA B . -3.47 -3.53 5.74
C2' FDA B . -3.65 -5.03 5.75
O2' FDA B . -5.07 -5.32 5.84
C3' FDA B . -2.89 -5.71 6.90
O3' FDA B . -1.58 -5.18 6.91
C4' FDA B . -2.85 -7.23 6.72
O4' FDA B . -3.72 -7.68 5.65
C5' FDA B . -3.30 -7.91 7.98
O5' FDA B . -2.33 -7.70 8.98
P FDA B . -2.42 -8.54 10.38
O1P FDA B . -1.63 -7.49 11.34
O2P FDA B . -2.11 -9.97 10.16
O3P FDA B . -3.80 -8.20 11.13
#